data_2DR9
#
_entry.id   2DR9
#
_cell.length_a   57.858
_cell.length_b   57.858
_cell.length_c   429.265
_cell.angle_alpha   90.00
_cell.angle_beta   90.00
_cell.angle_gamma   90.00
#
_symmetry.space_group_name_H-M   'P 43 21 2'
#
loop_
_entity.id
_entity.type
_entity.pdbx_description
1 polymer 'tRNA (34-MER)'
2 polymer 'CCA-adding enzyme'
3 non-polymer 'SULFATE ION'
4 water water
#
loop_
_entity_poly.entity_id
_entity_poly.type
_entity_poly.pdbx_seq_one_letter_code
_entity_poly.pdbx_strand_id
1 'polyribonucleotide' GGCCCGGGGCGGUUCGAUUCCGCCCUGGGCCACC B
2 'polypeptide(L)'
;MKVEEILEKALELVIPDEEEVRKGREAEEELRRRLDELGVEYVFVGSYARNTWLKGSLEIDVFLLFPEEFSKEELRERGL
EIGKAVLDSYEIRYAEHPYVHGVVKGVEVDVVPCYKLKEPKNIKSAVDRTPFHHKWLEGRIKGKENEVRLLKGFLKANGI
YGAEYKVRGFSGYLCELLIVFYGSFLETVKNARRWTRRTVIDVAKGEVRKGEEFFVVDPVDEKRNVAANLSLDNLARFVH
LCREFMEAPSLGFFKPKHPLEIEPERLRKIVEERGTAVFAVKFRKPDIVDDNLYPQLERASRKIFEFLERENFMPLRSAF
KASEEFCYLLFECQIKEISRVFRRMGPQFEDERNVKKFLSRNRAFRPFIENGRWWAFEMRKFTTPEEGVRSYASTHWHTL
GKNVGESIREYFEIISGEKLFKEPVTAELCEMMGVKD
;
A
#
loop_
_chem_comp.id
_chem_comp.type
_chem_comp.name
_chem_comp.formula
A RNA linking ADENOSINE-5'-MONOPHOSPHATE 'C10 H14 N5 O7 P'
C RNA linking CYTIDINE-5'-MONOPHOSPHATE 'C9 H14 N3 O8 P'
G RNA linking GUANOSINE-5'-MONOPHOSPHATE 'C10 H14 N5 O8 P'
SO4 non-polymer 'SULFATE ION' 'O4 S -2'
U RNA linking URIDINE-5'-MONOPHOSPHATE 'C9 H13 N2 O9 P'
#
# COMPACT_ATOMS: atom_id res chain seq x y z
N MET B 1 22.94 -20.74 14.38
CA MET B 1 21.66 -20.10 13.94
C MET B 1 20.51 -20.27 14.95
N LYS B 2 20.67 -19.68 16.13
CA LYS B 2 19.65 -19.75 17.17
C LYS B 2 19.11 -18.35 17.45
N VAL B 3 17.99 -17.99 16.83
CA VAL B 3 17.36 -16.68 17.00
C VAL B 3 18.37 -15.68 17.58
N GLU B 4 18.48 -15.73 18.90
CA GLU B 4 19.37 -14.90 19.70
C GLU B 4 20.69 -14.53 18.99
N GLU B 5 21.30 -15.49 18.29
CA GLU B 5 22.57 -15.24 17.59
C GLU B 5 22.28 -14.47 16.30
N ILE B 6 21.26 -14.91 15.57
CA ILE B 6 20.85 -14.29 14.30
C ILE B 6 20.57 -12.79 14.46
N LEU B 7 20.10 -12.40 15.65
CA LEU B 7 19.79 -11.00 15.91
C LEU B 7 21.08 -10.21 16.14
N GLU B 8 22.12 -10.89 16.57
CA GLU B 8 23.39 -10.25 16.80
C GLU B 8 24.00 -9.83 15.44
N LYS B 9 23.92 -10.74 14.46
CA LYS B 9 24.44 -10.46 13.13
C LYS B 9 23.55 -9.47 12.39
N ALA B 10 22.26 -9.50 12.71
CA ALA B 10 21.27 -8.62 12.09
C ALA B 10 21.53 -7.13 12.32
N LEU B 11 21.96 -6.76 13.52
CA LEU B 11 22.23 -5.36 13.81
C LEU B 11 23.17 -4.75 12.78
N GLU B 12 24.08 -5.57 12.25
CA GLU B 12 25.03 -5.09 11.26
C GLU B 12 24.29 -4.62 10.01
N LEU B 13 23.08 -5.15 9.83
CA LEU B 13 22.26 -4.81 8.68
C LEU B 13 21.30 -3.64 8.91
N VAL B 14 20.87 -3.43 10.16
CA VAL B 14 19.94 -2.34 10.44
C VAL B 14 20.51 -1.14 11.16
N ILE B 15 21.62 -1.31 11.89
CA ILE B 15 22.22 -0.17 12.59
C ILE B 15 23.05 0.66 11.61
N PRO B 16 22.86 1.98 11.60
CA PRO B 16 23.61 2.85 10.68
C PRO B 16 25.10 2.89 10.95
N ASP B 17 25.86 2.87 9.85
CA ASP B 17 27.32 2.91 9.88
C ASP B 17 27.80 4.27 10.36
N GLU B 18 28.68 4.27 11.37
CA GLU B 18 29.20 5.51 11.95
C GLU B 18 29.47 6.64 10.96
N GLU B 19 29.71 6.30 9.69
CA GLU B 19 29.95 7.33 8.68
C GLU B 19 28.66 8.04 8.32
N GLU B 20 27.59 7.25 8.21
CA GLU B 20 26.27 7.75 7.88
C GLU B 20 25.75 8.61 9.03
N VAL B 21 26.04 8.19 10.26
CA VAL B 21 25.60 8.92 11.44
C VAL B 21 26.19 10.33 11.40
N ARG B 22 27.51 10.42 11.20
CA ARG B 22 28.19 11.69 11.12
C ARG B 22 27.55 12.56 10.03
N LYS B 23 27.43 11.98 8.85
CA LYS B 23 26.85 12.67 7.69
C LYS B 23 25.54 13.34 8.09
N GLY B 24 24.70 12.60 8.81
CA GLY B 24 23.42 13.13 9.25
C GLY B 24 23.55 14.23 10.27
N ARG B 25 24.42 14.03 11.26
CA ARG B 25 24.66 15.01 12.31
C ARG B 25 25.22 16.29 11.69
N GLU B 26 26.15 16.11 10.77
CA GLU B 26 26.81 17.21 10.08
C GLU B 26 25.76 18.04 9.32
N ALA B 27 24.77 17.34 8.77
CA ALA B 27 23.70 18.00 8.02
C ALA B 27 22.66 18.64 8.95
N GLU B 28 22.31 17.93 10.02
CA GLU B 28 21.31 18.45 10.95
C GLU B 28 21.76 19.77 11.52
N GLU B 29 23.06 19.85 11.85
CA GLU B 29 23.65 21.06 12.40
C GLU B 29 23.58 22.20 11.40
N GLU B 30 23.90 21.91 10.13
CA GLU B 30 23.85 22.92 9.06
C GLU B 30 22.43 23.45 8.95
N LEU B 31 21.50 22.51 8.88
CA LEU B 31 20.09 22.78 8.77
C LEU B 31 19.69 23.77 9.87
N ARG B 32 20.18 23.52 11.08
CA ARG B 32 19.92 24.39 12.24
C ARG B 32 20.34 25.82 11.93
N ARG B 33 21.62 25.98 11.63
CA ARG B 33 22.19 27.29 11.30
C ARG B 33 21.46 28.06 10.21
N ARG B 34 20.96 27.36 9.19
CA ARG B 34 20.23 28.00 8.09
C ARG B 34 18.90 28.54 8.59
N LEU B 35 18.20 27.70 9.36
CA LEU B 35 16.90 28.08 9.90
C LEU B 35 16.99 29.18 10.97
N ASP B 36 18.09 29.19 11.73
CA ASP B 36 18.28 30.22 12.76
C ASP B 36 18.52 31.56 12.08
N GLU B 37 19.19 31.52 10.93
CA GLU B 37 19.47 32.72 10.17
C GLU B 37 18.16 33.35 9.75
N LEU B 38 17.11 32.53 9.62
CA LEU B 38 15.79 33.02 9.24
C LEU B 38 15.03 33.31 10.53
N GLY B 39 15.48 32.68 11.60
CA GLY B 39 14.84 32.86 12.88
C GLY B 39 13.39 32.40 12.88
N VAL B 40 13.17 31.16 12.50
CA VAL B 40 11.82 30.63 12.50
C VAL B 40 11.70 29.51 13.53
N GLU B 41 10.48 29.25 14.02
CA GLU B 41 10.25 28.20 15.01
C GLU B 41 10.26 26.83 14.34
N TYR B 42 11.07 25.93 14.86
CA TYR B 42 11.16 24.61 14.27
C TYR B 42 11.49 23.55 15.28
N VAL B 43 11.32 22.29 14.89
CA VAL B 43 11.64 21.20 15.78
C VAL B 43 11.96 19.93 14.99
N PHE B 44 13.06 19.28 15.34
CA PHE B 44 13.44 18.05 14.68
C PHE B 44 12.57 16.93 15.25
N VAL B 45 12.12 16.02 14.40
CA VAL B 45 11.29 14.92 14.85
C VAL B 45 11.52 13.68 14.03
N GLY B 46 10.75 12.64 14.30
CA GLY B 46 10.90 11.40 13.56
C GLY B 46 12.13 10.57 13.89
N SER B 47 12.38 9.58 13.03
CA SER B 47 13.50 8.64 13.13
C SER B 47 14.83 9.25 13.51
N TYR B 48 15.10 10.44 12.96
CA TYR B 48 16.36 11.11 13.22
C TYR B 48 16.47 11.66 14.61
N ALA B 49 15.45 12.39 15.05
CA ALA B 49 15.46 12.98 16.39
C ALA B 49 15.50 11.91 17.46
N ARG B 50 14.95 10.75 17.17
CA ARG B 50 14.95 9.67 18.16
C ARG B 50 16.01 8.60 17.90
N ASN B 51 16.80 8.82 16.85
CA ASN B 51 17.87 7.90 16.47
C ASN B 51 17.35 6.49 16.38
N THR B 52 16.37 6.29 15.50
CA THR B 52 15.77 4.98 15.29
C THR B 52 15.52 4.78 13.81
N TRP B 53 16.29 5.46 12.97
CA TRP B 53 16.10 5.34 11.53
C TRP B 53 16.84 4.11 11.05
N LEU B 54 16.23 3.39 10.12
CA LEU B 54 16.79 2.18 9.57
C LEU B 54 18.04 2.50 8.76
N LYS B 55 19.11 1.75 9.02
CA LYS B 55 20.37 1.93 8.31
C LYS B 55 20.11 2.06 6.82
N GLY B 56 20.66 3.11 6.22
CA GLY B 56 20.48 3.31 4.80
C GLY B 56 19.25 4.11 4.41
N SER B 57 18.39 4.43 5.37
CA SER B 57 17.17 5.20 5.09
C SER B 57 17.19 6.53 5.87
N LEU B 58 18.36 7.16 5.91
CA LEU B 58 18.53 8.43 6.59
C LEU B 58 17.65 9.48 5.95
N GLU B 59 17.03 10.30 6.78
CA GLU B 59 16.17 11.39 6.31
C GLU B 59 15.75 12.22 7.51
N ILE B 60 16.11 13.49 7.48
CA ILE B 60 15.81 14.41 8.55
C ILE B 60 14.42 15.01 8.35
N ASP B 61 13.70 15.21 9.46
CA ASP B 61 12.37 15.78 9.44
C ASP B 61 12.35 17.02 10.33
N VAL B 62 12.32 18.20 9.72
CA VAL B 62 12.26 19.45 10.45
C VAL B 62 10.81 19.89 10.41
N PHE B 63 10.28 20.31 11.54
CA PHE B 63 8.89 20.73 11.59
C PHE B 63 8.73 22.21 11.96
N LEU B 64 8.15 22.98 11.03
CA LEU B 64 7.93 24.41 11.24
C LEU B 64 6.68 24.69 12.07
N LEU B 65 6.86 25.14 13.31
CA LEU B 65 5.71 25.42 14.20
C LEU B 65 5.02 26.77 13.95
N PHE B 66 3.76 26.70 13.50
CA PHE B 66 2.93 27.87 13.21
C PHE B 66 1.75 28.03 14.19
N PRO B 67 1.29 29.29 14.40
CA PRO B 67 0.17 29.60 15.30
C PRO B 67 -1.16 29.01 14.80
N GLU B 68 -1.94 28.42 15.70
CA GLU B 68 -3.22 27.83 15.30
C GLU B 68 -4.08 28.73 14.42
N GLU B 69 -3.97 30.04 14.60
CA GLU B 69 -4.78 31.00 13.83
C GLU B 69 -4.49 31.09 12.34
N PHE B 70 -3.25 30.82 11.94
CA PHE B 70 -2.87 30.89 10.53
C PHE B 70 -3.67 30.00 9.56
N SER B 71 -3.91 30.53 8.36
CA SER B 71 -4.62 29.81 7.31
C SER B 71 -3.86 28.57 6.87
N LYS B 72 -4.58 27.61 6.28
CA LYS B 72 -3.89 26.46 5.75
C LYS B 72 -3.11 27.01 4.56
N GLU B 73 -3.69 28.01 3.91
CA GLU B 73 -3.06 28.66 2.76
C GLU B 73 -1.80 29.36 3.21
N GLU B 74 -1.84 29.91 4.41
CA GLU B 74 -0.70 30.61 4.95
C GLU B 74 0.42 29.61 5.22
N LEU B 75 0.06 28.44 5.73
CA LEU B 75 1.07 27.43 6.02
C LEU B 75 1.76 27.01 4.72
N ARG B 76 0.96 26.71 3.71
CA ARG B 76 1.48 26.29 2.42
C ARG B 76 2.47 27.28 1.82
N GLU B 77 2.07 28.54 1.72
CA GLU B 77 2.92 29.58 1.16
C GLU B 77 4.16 29.91 2.02
N ARG B 78 3.96 30.13 3.31
CA ARG B 78 5.06 30.44 4.23
C ARG B 78 5.99 29.25 4.35
N GLY B 79 5.39 28.08 4.59
CA GLY B 79 6.16 26.86 4.73
C GLY B 79 7.08 26.60 3.55
N LEU B 80 6.51 26.41 2.36
CA LEU B 80 7.32 26.12 1.18
C LEU B 80 8.43 27.15 0.98
N GLU B 81 8.10 28.42 1.23
CA GLU B 81 9.05 29.52 1.08
C GLU B 81 10.31 29.29 1.93
N ILE B 82 10.10 29.04 3.22
CA ILE B 82 11.19 28.77 4.15
C ILE B 82 12.00 27.56 3.69
N GLY B 83 11.34 26.43 3.53
CA GLY B 83 12.02 25.22 3.10
C GLY B 83 12.84 25.37 1.83
N LYS B 84 12.40 26.23 0.92
CA LYS B 84 13.12 26.42 -0.32
C LYS B 84 14.45 27.13 -0.12
N ALA B 85 14.48 28.15 0.72
CA ALA B 85 15.73 28.88 0.97
C ALA B 85 16.67 28.14 1.94
N VAL B 86 16.18 27.01 2.44
CA VAL B 86 16.91 26.20 3.40
C VAL B 86 17.54 24.92 2.83
N LEU B 87 17.12 24.52 1.64
CA LEU B 87 17.64 23.31 1.04
C LEU B 87 18.55 23.62 -0.14
N ASP B 88 19.50 22.71 -0.40
CA ASP B 88 20.42 22.89 -1.50
C ASP B 88 19.61 22.75 -2.79
N SER B 89 18.74 21.76 -2.82
CA SER B 89 17.86 21.52 -3.96
C SER B 89 16.56 21.01 -3.35
N TYR B 90 15.45 21.18 -4.06
CA TYR B 90 14.19 20.70 -3.54
C TYR B 90 13.27 20.10 -4.58
N GLU B 91 12.16 19.57 -4.08
CA GLU B 91 11.19 18.91 -4.92
C GLU B 91 9.89 19.10 -4.16
N ILE B 92 8.87 19.63 -4.82
CA ILE B 92 7.58 19.85 -4.17
C ILE B 92 6.53 18.97 -4.84
N ARG B 93 6.10 17.92 -4.14
CA ARG B 93 5.13 16.96 -4.67
C ARG B 93 4.45 16.28 -3.46
N TYR B 94 3.17 16.57 -3.24
CA TYR B 94 2.41 16.00 -2.12
C TYR B 94 0.94 15.81 -2.50
N ALA B 95 0.19 15.00 -1.75
CA ALA B 95 -1.23 14.76 -2.06
C ALA B 95 -2.20 15.79 -1.47
N GLU B 96 -1.98 16.18 -0.21
CA GLU B 96 -2.85 17.15 0.44
C GLU B 96 -2.10 18.10 1.37
N HIS B 97 -1.29 17.56 2.27
CA HIS B 97 -0.55 18.41 3.18
C HIS B 97 0.74 18.89 2.52
N PRO B 98 0.93 20.21 2.42
CA PRO B 98 2.11 20.79 1.78
C PRO B 98 3.40 20.78 2.60
N TYR B 99 4.48 20.32 1.97
CA TYR B 99 5.79 20.26 2.60
C TYR B 99 6.80 20.23 1.47
N VAL B 100 8.05 20.50 1.79
CA VAL B 100 9.10 20.52 0.78
C VAL B 100 10.12 19.43 1.04
N HIS B 101 10.40 18.60 0.05
CA HIS B 101 11.42 17.57 0.25
C HIS B 101 12.68 18.02 -0.48
N GLY B 102 13.83 17.79 0.13
CA GLY B 102 15.06 18.22 -0.50
C GLY B 102 16.29 17.59 0.08
N VAL B 103 17.43 18.24 -0.11
CA VAL B 103 18.70 17.72 0.37
C VAL B 103 19.62 18.80 0.94
N VAL B 104 20.23 18.50 2.09
CA VAL B 104 21.19 19.41 2.71
C VAL B 104 22.47 18.65 3.00
N LYS B 105 23.56 19.10 2.39
CA LYS B 105 24.84 18.45 2.56
C LYS B 105 24.76 16.94 2.37
N GLY B 106 23.90 16.50 1.46
CA GLY B 106 23.82 15.08 1.18
C GLY B 106 22.66 14.25 1.73
N VAL B 107 22.20 14.56 2.93
CA VAL B 107 21.10 13.78 3.51
C VAL B 107 19.75 14.32 3.07
N GLU B 108 18.78 13.41 2.97
CA GLU B 108 17.40 13.76 2.57
C GLU B 108 16.71 14.53 3.68
N VAL B 109 16.02 15.61 3.32
CA VAL B 109 15.33 16.38 4.35
C VAL B 109 13.86 16.69 4.02
N ASP B 110 13.01 16.59 5.04
CA ASP B 110 11.60 16.88 4.90
C ASP B 110 11.26 18.11 5.73
N VAL B 111 11.06 19.24 5.07
CA VAL B 111 10.70 20.46 5.78
C VAL B 111 9.18 20.56 5.75
N VAL B 112 8.54 20.17 6.86
CA VAL B 112 7.08 20.15 6.98
C VAL B 112 6.45 21.19 7.89
N PRO B 113 5.44 21.93 7.39
CA PRO B 113 4.75 22.97 8.18
C PRO B 113 3.63 22.35 9.01
N CYS B 114 3.42 22.86 10.22
CA CYS B 114 2.34 22.35 11.05
C CYS B 114 2.03 23.31 12.19
N TYR B 115 0.79 23.29 12.65
CA TYR B 115 0.33 24.16 13.72
C TYR B 115 0.80 23.72 15.09
N LYS B 116 1.36 24.63 15.88
CA LYS B 116 1.78 24.26 17.21
C LYS B 116 0.54 24.35 18.11
N LEU B 117 -0.01 23.18 18.46
CA LEU B 117 -1.20 23.10 19.30
C LEU B 117 -0.83 22.71 20.73
N LYS B 118 -1.85 22.65 21.59
CA LYS B 118 -1.73 22.24 22.98
C LYS B 118 -2.69 21.04 22.97
N GLU B 119 -2.18 19.85 23.24
CA GLU B 119 -3.02 18.65 23.17
C GLU B 119 -3.29 18.30 21.72
N PRO B 120 -3.05 17.04 21.32
CA PRO B 120 -3.27 16.58 19.95
C PRO B 120 -4.69 16.10 19.80
N LYS B 121 -5.63 16.87 20.33
CA LYS B 121 -7.03 16.52 20.27
C LYS B 121 -7.63 16.67 18.87
N ASN B 122 -8.09 17.88 18.55
CA ASN B 122 -8.69 18.12 17.26
C ASN B 122 -7.77 18.80 16.28
N ILE B 123 -6.86 18.01 15.75
CA ILE B 123 -5.85 18.42 14.78
C ILE B 123 -6.45 19.27 13.65
N LYS B 124 -5.72 20.32 13.26
CA LYS B 124 -6.16 21.23 12.19
C LYS B 124 -5.46 21.00 10.85
N SER B 125 -4.30 20.33 10.85
CA SER B 125 -3.56 20.00 9.64
C SER B 125 -3.23 18.52 9.80
N ALA B 126 -3.17 17.78 8.70
CA ALA B 126 -2.92 16.35 8.80
C ALA B 126 -1.78 15.85 9.69
N VAL B 127 -0.76 16.68 9.92
CA VAL B 127 0.39 16.24 10.70
C VAL B 127 0.55 16.68 12.16
N ASP B 128 -0.32 17.57 12.63
CA ASP B 128 -0.24 18.12 13.98
C ASP B 128 0.12 17.17 15.13
N ARG B 129 -0.11 15.87 14.96
CA ARG B 129 0.21 14.94 16.05
C ARG B 129 1.68 14.57 16.18
N THR B 130 2.42 14.63 15.07
CA THR B 130 3.82 14.22 15.10
C THR B 130 4.70 14.77 16.22
N PRO B 131 4.62 16.07 16.51
CA PRO B 131 5.45 16.64 17.57
C PRO B 131 5.11 16.05 18.95
N PHE B 132 3.82 15.79 19.18
CA PHE B 132 3.37 15.21 20.46
C PHE B 132 3.79 13.74 20.51
N HIS B 133 3.90 13.11 19.35
CA HIS B 133 4.34 11.72 19.29
C HIS B 133 5.78 11.73 19.73
N HIS B 134 6.53 12.69 19.20
CA HIS B 134 7.93 12.81 19.55
C HIS B 134 8.17 12.97 21.06
N LYS B 135 7.34 13.77 21.72
CA LYS B 135 7.51 13.98 23.15
C LYS B 135 7.16 12.71 23.91
N TRP B 136 6.09 12.06 23.49
CA TRP B 136 5.61 10.84 24.13
C TRP B 136 6.60 9.69 23.93
N LEU B 137 7.27 9.71 22.79
CA LEU B 137 8.20 8.68 22.41
C LEU B 137 9.66 8.85 22.85
N GLU B 138 10.14 10.10 22.90
CA GLU B 138 11.53 10.35 23.26
C GLU B 138 11.90 9.88 24.65
N GLY B 139 10.98 10.03 25.59
CA GLY B 139 11.27 9.60 26.94
C GLY B 139 11.20 8.09 27.17
N ARG B 140 10.38 7.42 26.39
CA ARG B 140 10.17 5.97 26.53
C ARG B 140 10.98 5.04 25.62
N ILE B 141 11.39 5.52 24.45
CA ILE B 141 12.13 4.67 23.54
C ILE B 141 13.62 4.61 23.88
N LYS B 142 14.07 5.62 24.62
CA LYS B 142 15.46 5.76 25.03
C LYS B 142 16.09 4.44 25.49
N GLY B 143 17.13 4.02 24.78
CA GLY B 143 17.80 2.78 25.12
C GLY B 143 17.30 1.56 24.35
N LYS B 144 16.23 1.70 23.57
CA LYS B 144 15.69 0.58 22.81
C LYS B 144 15.55 0.85 21.33
N GLU B 145 16.33 1.81 20.84
CA GLU B 145 16.30 2.20 19.43
C GLU B 145 16.87 1.14 18.48
N ASN B 146 17.73 0.28 18.98
CA ASN B 146 18.27 -0.78 18.15
C ASN B 146 17.19 -1.84 17.98
N GLU B 147 16.32 -1.96 18.98
CA GLU B 147 15.24 -2.92 18.93
C GLU B 147 14.25 -2.47 17.87
N VAL B 148 14.10 -1.15 17.72
CA VAL B 148 13.20 -0.59 16.74
C VAL B 148 13.69 -0.89 15.33
N ARG B 149 15.00 -0.82 15.15
CA ARG B 149 15.60 -1.09 13.83
C ARG B 149 15.51 -2.53 13.37
N LEU B 150 15.55 -3.47 14.31
CA LEU B 150 15.42 -4.85 13.91
C LEU B 150 14.04 -4.93 13.27
N LEU B 151 13.02 -4.53 14.02
CA LEU B 151 11.64 -4.56 13.52
C LEU B 151 11.51 -3.86 12.17
N LYS B 152 12.08 -2.66 12.06
CA LYS B 152 12.00 -1.89 10.82
C LYS B 152 12.67 -2.57 9.62
N GLY B 153 13.81 -3.20 9.86
CA GLY B 153 14.50 -3.89 8.78
C GLY B 153 13.80 -5.19 8.44
N PHE B 154 13.08 -5.74 9.41
CA PHE B 154 12.36 -7.00 9.25
C PHE B 154 11.19 -6.75 8.32
N LEU B 155 10.38 -5.77 8.66
CA LEU B 155 9.21 -5.39 7.89
C LEU B 155 9.58 -4.92 6.51
N LYS B 156 10.72 -4.22 6.43
CA LYS B 156 11.21 -3.68 5.17
C LYS B 156 11.64 -4.79 4.23
N ALA B 157 12.56 -5.62 4.71
CA ALA B 157 13.08 -6.73 3.93
C ALA B 157 11.98 -7.64 3.41
N ASN B 158 10.78 -7.52 3.98
CA ASN B 158 9.66 -8.34 3.56
C ASN B 158 8.51 -7.56 2.90
N GLY B 159 8.82 -6.36 2.43
CA GLY B 159 7.85 -5.53 1.73
C GLY B 159 6.64 -4.93 2.41
N ILE B 160 6.63 -4.95 3.74
CA ILE B 160 5.49 -4.41 4.45
C ILE B 160 5.90 -3.33 5.43
N TYR B 161 7.00 -2.64 5.15
CA TYR B 161 7.41 -1.61 6.09
C TYR B 161 6.71 -0.26 5.96
N GLY B 162 6.52 0.27 4.76
CA GLY B 162 5.83 1.56 4.72
C GLY B 162 4.35 1.50 5.08
N ALA B 163 3.74 2.63 5.39
CA ALA B 163 2.30 2.65 5.71
C ALA B 163 1.48 3.49 4.70
N GLU B 164 2.13 3.87 3.61
CA GLU B 164 1.46 4.65 2.56
C GLU B 164 0.72 3.68 1.65
N TYR B 165 -0.31 4.15 0.97
CA TYR B 165 -1.10 3.28 0.07
C TYR B 165 -0.30 2.33 -0.82
N LYS B 166 0.93 2.67 -1.15
CA LYS B 166 1.68 1.77 -1.98
C LYS B 166 2.05 0.51 -1.20
N VAL B 167 2.28 0.64 0.10
CA VAL B 167 2.67 -0.49 0.94
C VAL B 167 1.55 -1.02 1.83
N ARG B 168 0.81 -0.12 2.47
CA ARG B 168 -0.27 -0.52 3.34
C ARG B 168 0.27 -1.43 4.46
N GLY B 169 1.44 -1.07 5.00
CA GLY B 169 2.05 -1.83 6.07
C GLY B 169 2.12 -1.08 7.39
N PHE B 170 3.18 -1.32 8.16
CA PHE B 170 3.39 -0.71 9.48
C PHE B 170 4.18 0.60 9.41
N SER B 171 3.64 1.68 9.96
CA SER B 171 4.36 2.94 9.93
C SER B 171 5.48 2.91 10.94
N GLY B 172 6.52 3.71 10.67
CA GLY B 172 7.65 3.81 11.57
C GLY B 172 7.15 4.07 12.97
N TYR B 173 6.20 4.99 13.11
CA TYR B 173 5.62 5.31 14.42
C TYR B 173 5.00 4.08 15.06
N LEU B 174 4.31 3.26 14.27
CA LEU B 174 3.68 2.06 14.78
C LEU B 174 4.77 1.16 15.36
N CYS B 175 5.85 1.03 14.58
CA CYS B 175 6.98 0.21 14.97
C CYS B 175 7.52 0.57 16.35
N GLU B 176 7.63 1.86 16.61
CA GLU B 176 8.12 2.34 17.89
C GLU B 176 7.14 2.11 19.03
N LEU B 177 5.84 2.12 18.72
CA LEU B 177 4.84 1.88 19.74
C LEU B 177 4.89 0.39 20.12
N LEU B 178 5.05 -0.46 19.10
CA LEU B 178 5.11 -1.90 19.33
C LEU B 178 6.30 -2.23 20.23
N ILE B 179 7.41 -1.54 20.03
CA ILE B 179 8.61 -1.77 20.83
C ILE B 179 8.40 -1.27 22.26
N VAL B 180 7.76 -0.11 22.41
CA VAL B 180 7.53 0.44 23.74
C VAL B 180 6.54 -0.45 24.48
N PHE B 181 5.70 -1.14 23.73
CA PHE B 181 4.70 -2.00 24.33
C PHE B 181 5.26 -3.38 24.68
N TYR B 182 5.79 -4.07 23.67
CA TYR B 182 6.34 -5.40 23.88
C TYR B 182 7.75 -5.42 24.44
N GLY B 183 8.42 -4.28 24.43
CA GLY B 183 9.76 -4.22 25.00
C GLY B 183 10.95 -4.56 24.12
N SER B 184 10.75 -5.39 23.10
CA SER B 184 11.84 -5.78 22.20
C SER B 184 11.37 -6.35 20.88
N PHE B 185 12.28 -6.47 19.92
CA PHE B 185 11.93 -7.02 18.61
C PHE B 185 11.48 -8.45 18.78
N LEU B 186 12.25 -9.21 19.56
CA LEU B 186 11.93 -10.60 19.80
C LEU B 186 10.58 -10.76 20.49
N GLU B 187 10.33 -9.98 21.53
CA GLU B 187 9.06 -10.05 22.25
C GLU B 187 7.88 -9.72 21.33
N THR B 188 8.07 -8.70 20.50
CA THR B 188 7.04 -8.30 19.54
C THR B 188 6.72 -9.48 18.61
N VAL B 189 7.74 -10.05 17.99
CA VAL B 189 7.56 -11.18 17.09
C VAL B 189 6.99 -12.39 17.83
N LYS B 190 7.41 -12.59 19.07
CA LYS B 190 6.90 -13.72 19.86
C LYS B 190 5.40 -13.62 20.05
N ASN B 191 4.90 -12.42 20.31
CA ASN B 191 3.47 -12.21 20.54
C ASN B 191 2.65 -11.96 19.31
N ALA B 192 3.28 -11.42 18.27
CA ALA B 192 2.59 -11.12 17.01
C ALA B 192 2.04 -12.40 16.36
N ARG B 193 2.56 -13.55 16.75
CA ARG B 193 2.09 -14.82 16.22
C ARG B 193 0.67 -15.10 16.70
N ARG B 194 0.30 -14.48 17.81
CA ARG B 194 -1.02 -14.67 18.39
C ARG B 194 -2.00 -13.57 18.01
N TRP B 195 -1.58 -12.61 17.17
CA TRP B 195 -2.48 -11.52 16.75
C TRP B 195 -3.54 -12.05 15.79
N THR B 196 -4.71 -11.43 15.81
CA THR B 196 -5.80 -11.84 14.92
C THR B 196 -6.33 -10.56 14.27
N ARG B 197 -7.34 -10.69 13.41
CA ARG B 197 -7.90 -9.52 12.74
C ARG B 197 -8.83 -8.69 13.65
N ARG B 198 -8.85 -9.00 14.93
CA ARG B 198 -9.69 -8.27 15.89
C ARG B 198 -8.83 -7.70 17.00
N THR B 199 -7.55 -8.02 16.99
CA THR B 199 -6.63 -7.57 18.03
C THR B 199 -6.48 -6.07 18.14
N VAL B 200 -6.66 -5.58 19.37
CA VAL B 200 -6.56 -4.17 19.71
C VAL B 200 -5.40 -3.97 20.69
N ILE B 201 -4.37 -3.23 20.28
CA ILE B 201 -3.26 -2.99 21.19
C ILE B 201 -3.41 -1.58 21.75
N ASP B 202 -3.56 -1.49 23.07
CA ASP B 202 -3.71 -0.20 23.71
C ASP B 202 -2.47 0.18 24.53
N VAL B 203 -1.52 0.84 23.87
CA VAL B 203 -0.27 1.24 24.51
C VAL B 203 -0.48 1.94 25.83
N ALA B 204 -1.32 2.98 25.83
CA ALA B 204 -1.62 3.75 27.03
C ALA B 204 -2.11 2.88 28.20
N LYS B 205 -3.15 2.08 27.97
CA LYS B 205 -3.67 1.23 29.04
C LYS B 205 -2.76 0.04 29.35
N GLY B 206 -1.76 -0.17 28.49
CA GLY B 206 -0.85 -1.29 28.68
C GLY B 206 -1.59 -2.61 28.50
N GLU B 207 -2.62 -2.62 27.66
CA GLU B 207 -3.38 -3.84 27.46
C GLU B 207 -3.72 -4.23 26.02
N VAL B 208 -4.08 -5.51 25.86
CA VAL B 208 -4.48 -6.08 24.58
C VAL B 208 -5.88 -6.69 24.75
N ARG B 209 -6.85 -6.09 24.08
CA ARG B 209 -8.23 -6.57 24.13
C ARG B 209 -8.72 -6.87 22.71
N LYS B 210 -9.79 -7.67 22.62
CA LYS B 210 -10.36 -8.03 21.33
C LYS B 210 -11.32 -6.91 20.92
N GLY B 211 -11.38 -6.59 19.63
CA GLY B 211 -12.26 -5.54 19.18
C GLY B 211 -12.99 -5.83 17.89
N GLU B 212 -13.19 -4.79 17.10
CA GLU B 212 -13.89 -4.90 15.82
C GLU B 212 -12.92 -5.34 14.74
N GLU B 213 -11.88 -4.52 14.55
CA GLU B 213 -10.85 -4.73 13.56
C GLU B 213 -9.51 -4.57 14.27
N PHE B 214 -8.40 -4.64 13.53
CA PHE B 214 -7.06 -4.47 14.11
C PHE B 214 -6.90 -2.99 14.43
N PHE B 215 -6.75 -2.68 15.72
CA PHE B 215 -6.66 -1.31 16.18
C PHE B 215 -5.55 -1.08 17.21
N VAL B 216 -4.55 -0.28 16.83
CA VAL B 216 -3.46 0.04 17.74
C VAL B 216 -3.73 1.48 18.15
N VAL B 217 -4.31 1.67 19.34
CA VAL B 217 -4.65 3.00 19.78
C VAL B 217 -3.46 3.86 20.21
N ASP B 218 -3.46 5.07 19.69
CA ASP B 218 -2.42 6.08 19.90
C ASP B 218 -2.42 6.60 21.35
N PRO B 219 -1.24 6.62 22.01
CA PRO B 219 -1.17 7.09 23.40
C PRO B 219 -1.62 8.54 23.48
N VAL B 220 -1.33 9.26 22.40
CA VAL B 220 -1.62 10.67 22.22
C VAL B 220 -3.09 11.02 21.93
N ASP B 221 -3.78 10.17 21.18
CA ASP B 221 -5.19 10.41 20.86
C ASP B 221 -5.88 9.04 20.74
N GLU B 222 -6.69 8.71 21.75
CA GLU B 222 -7.38 7.41 21.80
C GLU B 222 -8.27 7.06 20.62
N LYS B 223 -8.81 8.06 19.93
CA LYS B 223 -9.68 7.80 18.80
C LYS B 223 -8.86 7.54 17.52
N ARG B 224 -7.55 7.45 17.64
CA ARG B 224 -6.72 7.28 16.47
C ARG B 224 -6.05 5.91 16.29
N ASN B 225 -6.44 5.20 15.23
CA ASN B 225 -5.85 3.89 14.94
C ASN B 225 -4.53 4.12 14.20
N VAL B 226 -3.41 3.83 14.86
CA VAL B 226 -2.07 4.02 14.27
C VAL B 226 -1.84 3.07 13.11
N ALA B 227 -2.45 1.88 13.18
CA ALA B 227 -2.33 0.85 12.15
C ALA B 227 -3.56 0.89 11.24
N ALA B 228 -4.12 2.09 11.06
CA ALA B 228 -5.30 2.30 10.26
C ALA B 228 -5.19 1.85 8.79
N ASN B 229 -4.04 2.10 8.17
CA ASN B 229 -3.86 1.76 6.77
C ASN B 229 -3.13 0.44 6.55
N LEU B 230 -3.00 -0.36 7.61
CA LEU B 230 -2.36 -1.67 7.50
C LEU B 230 -3.40 -2.67 7.02
N SER B 231 -3.30 -3.07 5.75
CA SER B 231 -4.25 -4.00 5.15
C SER B 231 -4.35 -5.31 5.90
N LEU B 232 -5.51 -5.96 5.78
CA LEU B 232 -5.73 -7.23 6.44
C LEU B 232 -4.71 -8.27 5.95
N ASP B 233 -4.54 -8.33 4.63
CA ASP B 233 -3.61 -9.29 4.06
C ASP B 233 -2.17 -9.11 4.52
N ASN B 234 -1.80 -7.90 4.89
CA ASN B 234 -0.43 -7.63 5.35
C ASN B 234 -0.26 -7.99 6.82
N LEU B 235 -1.29 -7.75 7.62
CA LEU B 235 -1.26 -8.10 9.03
C LEU B 235 -1.05 -9.60 9.06
N ALA B 236 -1.64 -10.29 8.08
CA ALA B 236 -1.55 -11.74 7.96
C ALA B 236 -0.13 -12.16 7.57
N ARG B 237 0.41 -11.52 6.54
CA ARG B 237 1.75 -11.82 6.06
C ARG B 237 2.80 -11.64 7.16
N PHE B 238 2.56 -10.63 8.01
CA PHE B 238 3.46 -10.34 9.11
C PHE B 238 3.36 -11.47 10.12
N VAL B 239 2.17 -11.63 10.69
CA VAL B 239 1.94 -12.70 11.68
C VAL B 239 2.54 -14.00 11.20
N HIS B 240 2.26 -14.37 9.96
CA HIS B 240 2.79 -15.61 9.43
C HIS B 240 4.31 -15.58 9.41
N LEU B 241 4.86 -14.44 9.03
CA LEU B 241 6.31 -14.28 9.00
C LEU B 241 6.91 -14.45 10.39
N CYS B 242 6.18 -14.00 11.41
CA CYS B 242 6.63 -14.10 12.79
C CYS B 242 6.68 -15.55 13.24
N ARG B 243 5.73 -16.35 12.75
CA ARG B 243 5.67 -17.77 13.07
C ARG B 243 6.80 -18.53 12.43
N GLU B 244 7.08 -18.24 11.17
CA GLU B 244 8.14 -18.90 10.43
C GLU B 244 9.49 -18.55 11.06
N PHE B 245 9.70 -17.26 11.31
CA PHE B 245 10.97 -16.83 11.90
C PHE B 245 11.29 -17.48 13.24
N MET B 246 10.28 -17.69 14.07
CA MET B 246 10.52 -18.30 15.37
C MET B 246 10.89 -19.79 15.23
N GLU B 247 10.42 -20.41 14.15
CA GLU B 247 10.68 -21.81 13.89
C GLU B 247 11.96 -22.03 13.10
N ALA B 248 12.18 -21.22 12.08
CA ALA B 248 13.36 -21.32 11.24
C ALA B 248 14.16 -20.02 11.29
N PRO B 249 14.57 -19.60 12.50
CA PRO B 249 15.34 -18.38 12.69
C PRO B 249 16.51 -18.26 11.72
N SER B 250 16.33 -17.46 10.68
CA SER B 250 17.40 -17.27 9.70
C SER B 250 17.50 -15.78 9.33
N LEU B 251 18.71 -15.26 9.29
CA LEU B 251 18.89 -13.85 8.96
C LEU B 251 18.55 -13.52 7.51
N GLY B 252 17.80 -14.41 6.88
CA GLY B 252 17.36 -14.19 5.51
C GLY B 252 16.10 -13.34 5.59
N PHE B 253 15.49 -13.32 6.76
CA PHE B 253 14.29 -12.54 6.99
C PHE B 253 14.64 -11.04 7.00
N PHE B 254 15.91 -10.71 7.22
CA PHE B 254 16.31 -9.31 7.24
C PHE B 254 16.96 -8.88 5.93
N LYS B 255 17.32 -9.85 5.09
CA LYS B 255 17.94 -9.51 3.82
C LYS B 255 16.87 -9.25 2.78
N PRO B 256 17.09 -8.23 1.94
CA PRO B 256 16.10 -7.89 0.90
C PRO B 256 15.94 -9.09 -0.01
N LYS B 257 14.76 -9.70 0.04
CA LYS B 257 14.47 -10.89 -0.74
C LYS B 257 14.97 -10.87 -2.19
N HIS B 258 15.28 -12.06 -2.70
CA HIS B 258 15.80 -12.27 -4.05
C HIS B 258 15.35 -11.23 -5.09
N PRO B 259 16.29 -10.74 -5.91
CA PRO B 259 15.96 -9.75 -6.93
C PRO B 259 15.07 -10.31 -8.06
N LEU B 260 15.06 -11.64 -8.21
CA LEU B 260 14.27 -12.32 -9.25
C LEU B 260 14.55 -11.82 -10.67
N GLU B 261 15.10 -12.71 -11.51
CA GLU B 261 15.43 -12.34 -12.89
C GLU B 261 14.83 -13.29 -13.94
N ILE B 262 13.81 -14.05 -13.54
CA ILE B 262 13.16 -15.02 -14.45
C ILE B 262 13.15 -14.64 -15.93
N GLU B 263 13.25 -15.65 -16.79
CA GLU B 263 13.26 -15.47 -18.24
C GLU B 263 11.85 -15.31 -18.79
N PRO B 264 11.63 -14.32 -19.68
CA PRO B 264 10.29 -14.11 -20.24
C PRO B 264 9.87 -15.33 -21.07
N GLU B 265 10.81 -16.26 -21.24
CA GLU B 265 10.52 -17.47 -21.98
C GLU B 265 9.98 -18.51 -21.02
N ARG B 266 10.56 -18.58 -19.82
CA ARG B 266 10.13 -19.53 -18.81
C ARG B 266 8.70 -19.22 -18.39
N LEU B 267 8.37 -17.93 -18.34
CA LEU B 267 7.04 -17.51 -17.97
C LEU B 267 5.99 -18.00 -18.97
N ARG B 268 6.20 -17.71 -20.25
CA ARG B 268 5.26 -18.13 -21.29
C ARG B 268 4.93 -19.61 -21.20
N LYS B 269 5.93 -20.43 -20.90
CA LYS B 269 5.72 -21.88 -20.81
C LYS B 269 4.90 -22.25 -19.59
N ILE B 270 4.94 -21.40 -18.56
CA ILE B 270 4.16 -21.65 -17.36
C ILE B 270 2.69 -21.33 -17.65
N VAL B 271 2.46 -20.21 -18.33
CA VAL B 271 1.10 -19.81 -18.67
C VAL B 271 0.47 -20.91 -19.53
N GLU B 272 1.24 -21.43 -20.48
CA GLU B 272 0.79 -22.50 -21.38
C GLU B 272 0.41 -23.72 -20.54
N GLU B 273 1.21 -23.98 -19.51
CA GLU B 273 0.98 -25.10 -18.59
C GLU B 273 -0.28 -24.86 -17.75
N ARG B 274 -0.49 -23.62 -17.35
CA ARG B 274 -1.66 -23.26 -16.56
C ARG B 274 -2.90 -23.26 -17.47
N GLY B 275 -2.67 -22.99 -18.75
CA GLY B 275 -3.76 -22.98 -19.71
C GLY B 275 -4.82 -21.94 -19.42
N THR B 276 -4.40 -20.90 -18.72
CA THR B 276 -5.30 -19.81 -18.35
C THR B 276 -5.23 -18.65 -19.32
N ALA B 277 -6.13 -17.70 -19.11
CA ALA B 277 -6.19 -16.50 -19.90
C ALA B 277 -5.49 -15.41 -19.06
N VAL B 278 -4.37 -14.89 -19.58
CA VAL B 278 -3.61 -13.83 -18.90
C VAL B 278 -3.48 -12.61 -19.80
N PHE B 279 -3.84 -11.44 -19.29
CA PHE B 279 -3.76 -10.22 -20.09
C PHE B 279 -3.77 -8.98 -19.21
N ALA B 280 -3.33 -7.85 -19.76
CA ALA B 280 -3.33 -6.62 -18.98
C ALA B 280 -4.06 -5.49 -19.68
N VAL B 281 -4.46 -4.47 -18.91
CA VAL B 281 -5.09 -3.30 -19.47
C VAL B 281 -3.99 -2.23 -19.37
N LYS B 282 -3.49 -1.76 -20.51
CA LYS B 282 -2.42 -0.77 -20.50
C LYS B 282 -2.89 0.63 -20.86
N PHE B 283 -2.61 1.58 -19.97
CA PHE B 283 -2.99 2.97 -20.20
C PHE B 283 -1.86 3.88 -19.73
N ARG B 284 -1.91 5.15 -20.09
CA ARG B 284 -0.87 6.09 -19.68
C ARG B 284 -0.98 6.46 -18.21
N LYS B 285 0.18 6.57 -17.57
CA LYS B 285 0.25 6.91 -16.16
C LYS B 285 -0.13 8.37 -15.95
N PRO B 286 -1.09 8.61 -15.04
CA PRO B 286 -1.57 9.97 -14.72
C PRO B 286 -0.50 10.70 -13.91
N ASP B 287 -0.12 11.89 -14.36
CA ASP B 287 0.90 12.69 -13.67
C ASP B 287 0.38 13.12 -12.30
N ILE B 288 0.39 12.19 -11.36
CA ILE B 288 -0.08 12.43 -10.01
C ILE B 288 0.72 11.62 -8.97
N VAL B 289 0.70 12.09 -7.74
CA VAL B 289 1.41 11.48 -6.61
C VAL B 289 1.02 10.02 -6.34
N ASP B 290 2.01 9.20 -6.03
CA ASP B 290 1.79 7.78 -5.74
C ASP B 290 0.59 7.55 -4.81
N ASP B 291 0.46 8.39 -3.80
CA ASP B 291 -0.62 8.28 -2.81
C ASP B 291 -2.02 8.52 -3.38
N ASN B 292 -2.10 8.95 -4.64
CA ASN B 292 -3.38 9.17 -5.31
C ASN B 292 -3.57 8.09 -6.37
N LEU B 293 -2.47 7.74 -7.03
CA LEU B 293 -2.48 6.75 -8.09
C LEU B 293 -2.87 5.32 -7.64
N TYR B 294 -2.17 4.79 -6.64
CA TYR B 294 -2.42 3.43 -6.18
C TYR B 294 -3.83 3.10 -5.72
N PRO B 295 -4.45 3.98 -4.91
CA PRO B 295 -5.82 3.63 -4.50
C PRO B 295 -6.72 3.49 -5.74
N GLN B 296 -6.45 4.32 -6.74
CA GLN B 296 -7.19 4.30 -8.00
C GLN B 296 -6.89 3.05 -8.81
N LEU B 297 -5.62 2.64 -8.82
CA LEU B 297 -5.21 1.41 -9.52
C LEU B 297 -5.87 0.19 -8.85
N GLU B 298 -6.01 0.24 -7.52
CA GLU B 298 -6.65 -0.84 -6.78
C GLU B 298 -8.13 -0.88 -7.16
N ARG B 299 -8.73 0.30 -7.33
CA ARG B 299 -10.13 0.37 -7.68
C ARG B 299 -10.40 -0.11 -9.10
N ALA B 300 -9.63 0.39 -10.06
CA ALA B 300 -9.83 -0.04 -11.45
C ALA B 300 -9.69 -1.56 -11.50
N SER B 301 -8.60 -2.05 -10.93
CA SER B 301 -8.27 -3.47 -10.87
C SER B 301 -9.45 -4.29 -10.33
N ARG B 302 -9.95 -3.86 -9.18
CA ARG B 302 -11.08 -4.51 -8.50
C ARG B 302 -12.39 -4.43 -9.30
N LYS B 303 -12.70 -3.23 -9.82
CA LYS B 303 -13.92 -3.05 -10.59
C LYS B 303 -13.94 -3.91 -11.83
N ILE B 304 -12.78 -4.11 -12.45
CA ILE B 304 -12.69 -4.96 -13.65
C ILE B 304 -12.75 -6.45 -13.26
N PHE B 305 -12.05 -6.80 -12.18
CA PHE B 305 -12.04 -8.18 -11.69
C PHE B 305 -13.46 -8.60 -11.35
N GLU B 306 -14.19 -7.70 -10.70
CA GLU B 306 -15.57 -7.98 -10.31
C GLU B 306 -16.46 -8.14 -11.51
N PHE B 307 -16.13 -7.45 -12.59
CA PHE B 307 -16.91 -7.56 -13.81
C PHE B 307 -16.62 -8.97 -14.39
N LEU B 308 -15.35 -9.35 -14.39
CA LEU B 308 -14.95 -10.66 -14.92
C LEU B 308 -15.53 -11.82 -14.15
N GLU B 309 -15.69 -11.69 -12.84
CA GLU B 309 -16.24 -12.79 -12.08
C GLU B 309 -17.74 -12.93 -12.27
N ARG B 310 -18.46 -11.81 -12.32
CA ARG B 310 -19.90 -11.91 -12.50
C ARG B 310 -20.26 -12.29 -13.93
N GLU B 311 -19.31 -12.17 -14.85
CA GLU B 311 -19.56 -12.49 -16.24
C GLU B 311 -19.12 -13.92 -16.54
N ASN B 312 -18.78 -14.65 -15.47
CA ASN B 312 -18.35 -16.04 -15.55
C ASN B 312 -17.04 -16.40 -16.21
N PHE B 313 -16.08 -15.48 -16.25
CA PHE B 313 -14.80 -15.83 -16.85
C PHE B 313 -13.88 -16.44 -15.78
N MET B 314 -14.47 -16.75 -14.62
CA MET B 314 -13.77 -17.34 -13.49
C MET B 314 -12.38 -16.78 -13.22
N PRO B 315 -12.31 -15.48 -12.88
CA PRO B 315 -11.05 -14.79 -12.58
C PRO B 315 -10.27 -15.52 -11.50
N LEU B 316 -8.94 -15.44 -11.54
CA LEU B 316 -8.12 -16.08 -10.50
C LEU B 316 -7.57 -15.01 -9.57
N ARG B 317 -6.80 -14.08 -10.12
CA ARG B 317 -6.25 -13.00 -9.31
C ARG B 317 -5.99 -11.80 -10.19
N SER B 318 -5.62 -10.71 -9.55
CA SER B 318 -5.30 -9.50 -10.26
C SER B 318 -4.20 -8.77 -9.50
N ALA B 319 -3.38 -8.04 -10.24
CA ALA B 319 -2.30 -7.26 -9.66
C ALA B 319 -2.16 -6.04 -10.56
N PHE B 320 -1.41 -5.04 -10.12
CA PHE B 320 -1.20 -3.87 -10.95
C PHE B 320 0.26 -3.48 -10.89
N LYS B 321 0.71 -2.77 -11.91
CA LYS B 321 2.09 -2.34 -12.01
C LYS B 321 2.07 -0.98 -12.67
N ALA B 322 2.87 -0.05 -12.13
CA ALA B 322 2.94 1.29 -12.68
C ALA B 322 4.40 1.62 -12.96
N SER B 323 4.77 1.71 -14.22
CA SER B 323 6.13 2.08 -14.56
C SER B 323 6.15 3.61 -14.55
N GLU B 324 7.17 4.23 -15.11
CA GLU B 324 7.22 5.69 -15.11
C GLU B 324 6.36 6.27 -16.23
N GLU B 325 6.00 5.41 -17.17
CA GLU B 325 5.26 5.80 -18.35
C GLU B 325 3.80 5.34 -18.39
N PHE B 326 3.59 4.07 -18.13
CA PHE B 326 2.25 3.53 -18.16
C PHE B 326 1.86 2.83 -16.87
N CYS B 327 0.67 2.25 -16.91
CA CYS B 327 0.16 1.49 -15.80
C CYS B 327 -0.35 0.21 -16.41
N TYR B 328 -0.33 -0.86 -15.62
CA TYR B 328 -0.79 -2.14 -16.10
C TYR B 328 -1.76 -2.79 -15.13
N LEU B 329 -2.92 -3.19 -15.63
CA LEU B 329 -3.90 -3.88 -14.80
C LEU B 329 -3.78 -5.31 -15.31
N LEU B 330 -3.26 -6.19 -14.45
CA LEU B 330 -3.05 -7.57 -14.81
C LEU B 330 -4.19 -8.50 -14.39
N PHE B 331 -4.43 -9.53 -15.20
CA PHE B 331 -5.48 -10.49 -14.91
C PHE B 331 -5.15 -11.87 -15.45
N GLU B 332 -5.75 -12.87 -14.82
CA GLU B 332 -5.61 -14.26 -15.22
C GLU B 332 -6.98 -14.85 -14.98
N CYS B 333 -7.47 -15.62 -15.95
CA CYS B 333 -8.78 -16.24 -15.79
C CYS B 333 -8.74 -17.72 -16.11
N GLN B 334 -9.84 -18.41 -15.85
CA GLN B 334 -9.89 -19.84 -16.14
C GLN B 334 -10.60 -20.09 -17.44
N ILE B 335 -11.47 -19.16 -17.82
CA ILE B 335 -12.21 -19.31 -19.05
C ILE B 335 -11.60 -18.44 -20.14
N LYS B 336 -10.85 -19.07 -21.04
CA LYS B 336 -10.25 -18.35 -22.16
C LYS B 336 -11.35 -18.00 -23.14
N GLU B 337 -12.39 -18.84 -23.17
CA GLU B 337 -13.51 -18.64 -24.07
C GLU B 337 -14.79 -19.32 -23.57
N ILE B 338 -15.89 -18.59 -23.54
CA ILE B 338 -17.16 -19.17 -23.10
C ILE B 338 -18.10 -19.30 -24.29
N SER B 339 -19.28 -19.89 -24.07
CA SER B 339 -20.20 -20.04 -25.17
C SER B 339 -21.03 -18.76 -25.41
N ARG B 340 -21.70 -18.73 -26.56
CA ARG B 340 -22.52 -17.60 -26.95
C ARG B 340 -23.83 -17.62 -26.14
N VAL B 341 -24.46 -18.79 -26.05
CA VAL B 341 -25.70 -18.94 -25.31
C VAL B 341 -25.50 -19.15 -23.83
N PHE B 342 -26.55 -18.84 -23.06
CA PHE B 342 -26.55 -19.02 -21.61
C PHE B 342 -28.01 -18.98 -21.16
N ARG B 343 -28.29 -19.58 -20.00
CA ARG B 343 -29.66 -19.62 -19.46
C ARG B 343 -29.95 -18.38 -18.64
N ARG B 344 -31.18 -17.89 -18.73
CA ARG B 344 -31.59 -16.75 -17.94
C ARG B 344 -32.82 -17.25 -17.21
N MET B 345 -32.85 -17.13 -15.89
CA MET B 345 -33.97 -17.61 -15.12
C MET B 345 -35.22 -16.73 -15.14
N GLY B 346 -36.32 -17.34 -15.58
CA GLY B 346 -37.61 -16.67 -15.66
C GLY B 346 -38.49 -17.09 -14.49
N PRO B 347 -39.77 -16.65 -14.48
CA PRO B 347 -40.76 -16.93 -13.44
C PRO B 347 -41.23 -18.39 -13.34
N GLN B 348 -41.98 -18.68 -12.29
CA GLN B 348 -42.52 -20.02 -12.10
C GLN B 348 -43.81 -20.10 -12.92
N PHE B 349 -44.12 -21.27 -13.48
CA PHE B 349 -45.32 -21.46 -14.30
C PHE B 349 -46.57 -20.96 -13.59
N GLU B 350 -46.51 -20.98 -12.26
CA GLU B 350 -47.59 -20.51 -11.40
C GLU B 350 -48.17 -19.18 -11.91
N ASP B 351 -47.63 -18.06 -11.46
CA ASP B 351 -48.14 -16.78 -11.90
C ASP B 351 -47.86 -16.60 -13.39
N GLU B 352 -48.91 -16.31 -14.16
CA GLU B 352 -48.75 -16.15 -15.60
C GLU B 352 -48.52 -14.73 -16.02
N ARG B 353 -48.94 -13.79 -15.18
CA ARG B 353 -48.76 -12.37 -15.51
C ARG B 353 -47.34 -12.16 -15.98
N ASN B 354 -46.38 -12.78 -15.29
CA ASN B 354 -44.97 -12.66 -15.62
C ASN B 354 -44.50 -13.71 -16.64
N VAL B 355 -45.08 -14.91 -16.59
CA VAL B 355 -44.69 -15.95 -17.52
C VAL B 355 -44.85 -15.41 -18.92
N LYS B 356 -45.95 -14.71 -19.15
CA LYS B 356 -46.25 -14.14 -20.45
C LYS B 356 -45.29 -13.02 -20.81
N LYS B 357 -45.07 -12.09 -19.88
CA LYS B 357 -44.15 -10.99 -20.16
C LYS B 357 -42.78 -11.55 -20.56
N PHE B 358 -42.40 -12.65 -19.92
CA PHE B 358 -41.12 -13.30 -20.18
C PHE B 358 -41.04 -13.89 -21.58
N LEU B 359 -42.08 -14.61 -21.99
CA LEU B 359 -42.10 -15.24 -23.30
C LEU B 359 -42.38 -14.25 -24.44
N SER B 360 -42.83 -13.05 -24.10
CA SER B 360 -43.14 -12.04 -25.13
C SER B 360 -41.87 -11.47 -25.76
N ARG B 361 -40.77 -11.54 -25.03
CA ARG B 361 -39.50 -11.04 -25.52
C ARG B 361 -39.03 -11.92 -26.69
N ASN B 362 -38.76 -11.28 -27.82
CA ASN B 362 -38.31 -12.01 -29.01
C ASN B 362 -36.96 -12.62 -28.76
N ARG B 363 -36.98 -13.92 -28.48
CA ARG B 363 -35.78 -14.70 -28.20
C ARG B 363 -35.42 -15.47 -29.45
N ALA B 364 -34.17 -15.91 -29.55
CA ALA B 364 -33.72 -16.65 -30.72
C ALA B 364 -33.78 -18.16 -30.51
N PHE B 365 -34.14 -18.59 -29.30
CA PHE B 365 -34.18 -20.01 -29.02
C PHE B 365 -35.39 -20.61 -28.34
N ARG B 366 -36.40 -19.81 -28.01
CA ARG B 366 -37.58 -20.39 -27.38
C ARG B 366 -37.31 -20.93 -25.98
N PRO B 367 -37.91 -20.30 -24.96
CA PRO B 367 -37.73 -20.73 -23.57
C PRO B 367 -38.34 -22.10 -23.21
N PHE B 368 -37.76 -22.76 -22.23
CA PHE B 368 -38.21 -24.06 -21.81
C PHE B 368 -38.56 -24.09 -20.34
N ILE B 369 -39.17 -25.20 -19.91
CA ILE B 369 -39.56 -25.38 -18.52
C ILE B 369 -38.61 -26.36 -17.82
N GLU B 370 -38.17 -25.99 -16.62
CA GLU B 370 -37.26 -26.82 -15.83
C GLU B 370 -37.51 -26.61 -14.33
N ASN B 371 -37.78 -27.71 -13.64
CA ASN B 371 -38.05 -27.69 -12.20
C ASN B 371 -39.12 -26.73 -11.68
N GLY B 372 -40.08 -26.34 -12.51
CA GLY B 372 -41.12 -25.46 -12.05
C GLY B 372 -41.12 -24.05 -12.60
N ARG B 373 -39.97 -23.60 -13.11
CA ARG B 373 -39.92 -22.25 -13.66
C ARG B 373 -39.39 -22.20 -15.08
N TRP B 374 -39.71 -21.11 -15.76
CA TRP B 374 -39.28 -20.94 -17.13
C TRP B 374 -37.84 -20.49 -17.24
N TRP B 375 -37.16 -20.94 -18.28
CA TRP B 375 -35.78 -20.56 -18.51
C TRP B 375 -35.65 -20.10 -19.93
N ALA B 376 -34.71 -19.20 -20.17
CA ALA B 376 -34.49 -18.67 -21.50
C ALA B 376 -33.05 -18.82 -21.92
N PHE B 377 -32.85 -19.00 -23.21
CA PHE B 377 -31.52 -19.12 -23.79
C PHE B 377 -31.27 -17.74 -24.37
N GLU B 378 -30.17 -17.14 -23.96
CA GLU B 378 -29.78 -15.81 -24.37
C GLU B 378 -28.40 -15.89 -24.98
N MET B 379 -28.01 -14.87 -25.73
CA MET B 379 -26.70 -14.83 -26.37
C MET B 379 -25.86 -13.70 -25.78
N ARG B 380 -24.56 -13.94 -25.59
CA ARG B 380 -23.64 -12.94 -25.05
C ARG B 380 -23.08 -12.05 -26.17
N LYS B 381 -22.72 -10.81 -25.86
CA LYS B 381 -22.17 -9.94 -26.90
C LYS B 381 -20.66 -10.06 -27.02
N PHE B 382 -20.07 -10.94 -26.20
CA PHE B 382 -18.63 -11.23 -26.20
C PHE B 382 -18.39 -12.63 -25.61
N THR B 383 -17.35 -13.31 -26.08
CA THR B 383 -17.08 -14.66 -25.60
C THR B 383 -15.72 -14.87 -24.97
N THR B 384 -14.92 -13.82 -24.87
CA THR B 384 -13.61 -13.97 -24.28
C THR B 384 -13.43 -12.91 -23.18
N PRO B 385 -12.48 -13.12 -22.26
CA PRO B 385 -12.24 -12.15 -21.18
C PRO B 385 -11.79 -10.80 -21.75
N GLU B 386 -10.86 -10.85 -22.70
CA GLU B 386 -10.36 -9.65 -23.37
C GLU B 386 -11.53 -8.84 -23.95
N GLU B 387 -12.38 -9.50 -24.73
CA GLU B 387 -13.54 -8.87 -25.35
C GLU B 387 -14.39 -8.18 -24.31
N GLY B 388 -14.59 -8.87 -23.19
CA GLY B 388 -15.39 -8.31 -22.12
C GLY B 388 -14.74 -7.07 -21.55
N VAL B 389 -13.49 -7.19 -21.17
CA VAL B 389 -12.79 -6.06 -20.61
C VAL B 389 -12.80 -4.90 -21.61
N ARG B 390 -12.54 -5.19 -22.88
CA ARG B 390 -12.52 -4.14 -23.90
C ARG B 390 -13.82 -3.37 -23.93
N SER B 391 -14.91 -4.10 -23.75
CA SER B 391 -16.24 -3.49 -23.76
C SER B 391 -16.43 -2.71 -22.51
N TYR B 392 -16.21 -3.38 -21.38
CA TYR B 392 -16.36 -2.79 -20.06
C TYR B 392 -15.54 -1.52 -19.86
N ALA B 393 -14.22 -1.64 -20.04
CA ALA B 393 -13.32 -0.50 -19.88
C ALA B 393 -13.72 0.67 -20.77
N SER B 394 -14.02 0.37 -22.02
CA SER B 394 -14.40 1.44 -22.93
C SER B 394 -15.70 2.09 -22.52
N THR B 395 -16.55 1.33 -21.84
CA THR B 395 -17.86 1.85 -21.45
C THR B 395 -17.99 2.34 -20.00
N HIS B 396 -17.12 1.85 -19.11
CA HIS B 396 -17.16 2.23 -17.70
C HIS B 396 -15.85 2.90 -17.23
N TRP B 397 -15.13 3.57 -18.12
CA TRP B 397 -13.88 4.23 -17.75
C TRP B 397 -14.10 5.12 -16.53
N HIS B 398 -15.21 5.84 -16.51
CA HIS B 398 -15.52 6.70 -15.39
C HIS B 398 -16.14 5.84 -14.30
N THR B 399 -15.30 5.37 -13.39
CA THR B 399 -15.70 4.52 -12.25
C THR B 399 -14.44 3.76 -11.89
N LEU B 400 -13.44 3.84 -12.79
CA LEU B 400 -12.16 3.18 -12.60
C LEU B 400 -11.14 4.16 -12.01
N GLY B 401 -11.63 5.08 -11.18
CA GLY B 401 -10.73 6.04 -10.58
C GLY B 401 -10.79 7.36 -11.32
N LYS B 402 -10.85 8.45 -10.57
CA LYS B 402 -10.93 9.78 -11.15
C LYS B 402 -9.89 9.99 -12.25
N ASN B 403 -8.63 9.80 -11.89
CA ASN B 403 -7.53 9.99 -12.83
C ASN B 403 -7.28 8.82 -13.75
N VAL B 404 -7.14 7.62 -13.18
CA VAL B 404 -6.92 6.42 -13.97
C VAL B 404 -8.03 6.31 -15.02
N GLY B 405 -9.27 6.46 -14.56
CA GLY B 405 -10.43 6.36 -15.44
C GLY B 405 -10.43 7.32 -16.60
N GLU B 406 -10.07 8.58 -16.35
CA GLU B 406 -10.02 9.60 -17.40
C GLU B 406 -8.99 9.27 -18.46
N SER B 407 -7.86 8.68 -18.03
CA SER B 407 -6.78 8.30 -18.95
C SER B 407 -7.22 7.17 -19.86
N ILE B 408 -7.86 6.17 -19.27
CA ILE B 408 -8.38 5.02 -20.00
C ILE B 408 -9.44 5.48 -21.01
N ARG B 409 -10.14 6.57 -20.68
CA ARG B 409 -11.16 7.12 -21.57
C ARG B 409 -10.46 7.64 -22.83
N GLU B 410 -9.23 8.13 -22.66
CA GLU B 410 -8.47 8.64 -23.79
C GLU B 410 -7.48 7.66 -24.42
N TYR B 411 -7.36 6.47 -23.84
CA TYR B 411 -6.49 5.44 -24.37
C TYR B 411 -6.29 4.26 -23.47
N PHE B 412 -6.34 3.08 -24.07
CA PHE B 412 -6.11 1.83 -23.37
C PHE B 412 -6.17 0.71 -24.38
N GLU B 413 -5.34 -0.29 -24.18
CA GLU B 413 -5.31 -1.44 -25.06
C GLU B 413 -5.17 -2.70 -24.20
N ILE B 414 -5.46 -3.85 -24.80
CA ILE B 414 -5.35 -5.12 -24.10
C ILE B 414 -4.27 -5.98 -24.74
N ILE B 415 -3.18 -6.18 -23.98
CA ILE B 415 -2.03 -6.96 -24.41
C ILE B 415 -2.12 -8.42 -23.92
N SER B 416 -1.84 -9.37 -24.80
CA SER B 416 -1.88 -10.81 -24.48
C SER B 416 -0.70 -11.53 -25.11
N GLY B 417 -0.62 -12.84 -24.87
CA GLY B 417 0.46 -13.64 -25.44
C GLY B 417 1.87 -13.14 -25.26
N GLU B 418 2.69 -13.29 -26.29
CA GLU B 418 4.07 -12.87 -26.25
C GLU B 418 4.17 -11.36 -26.03
N LYS B 419 3.39 -10.60 -26.77
CA LYS B 419 3.42 -9.15 -26.66
C LYS B 419 3.30 -8.64 -25.21
N LEU B 420 2.83 -9.50 -24.31
CA LEU B 420 2.66 -9.12 -22.91
C LEU B 420 3.89 -9.37 -22.05
N PHE B 421 4.70 -10.36 -22.41
CA PHE B 421 5.90 -10.67 -21.66
C PHE B 421 7.05 -9.70 -21.93
N LYS B 422 6.92 -8.92 -23.00
CA LYS B 422 7.92 -7.92 -23.36
C LYS B 422 7.78 -6.71 -22.43
N GLU B 423 6.56 -6.48 -21.96
CA GLU B 423 6.26 -5.37 -21.06
C GLU B 423 6.88 -5.60 -19.67
N PRO B 424 7.02 -4.54 -18.85
CA PRO B 424 7.58 -4.53 -17.49
C PRO B 424 6.71 -5.15 -16.41
N VAL B 425 6.05 -6.26 -16.73
CA VAL B 425 5.16 -6.90 -15.77
C VAL B 425 5.50 -8.35 -15.48
N THR B 426 6.59 -8.85 -16.05
CA THR B 426 6.95 -10.24 -15.84
C THR B 426 7.25 -10.54 -14.36
N ALA B 427 7.48 -9.51 -13.57
CA ALA B 427 7.76 -9.71 -12.14
C ALA B 427 6.47 -9.82 -11.34
N GLU B 428 5.49 -8.97 -11.66
CA GLU B 428 4.21 -8.97 -10.97
C GLU B 428 3.39 -10.17 -11.41
N LEU B 429 3.62 -10.62 -12.64
CA LEU B 429 2.91 -11.79 -13.18
C LEU B 429 3.33 -13.05 -12.44
N CYS B 430 4.63 -13.19 -12.19
CA CYS B 430 5.14 -14.35 -11.47
C CYS B 430 4.57 -14.33 -10.07
N GLU B 431 4.67 -13.18 -9.42
CA GLU B 431 4.16 -13.00 -8.08
C GLU B 431 2.70 -13.42 -8.04
N MET B 432 1.96 -13.02 -9.07
CA MET B 432 0.53 -13.30 -9.21
C MET B 432 0.21 -14.78 -9.34
N MET B 433 1.00 -15.48 -10.15
CA MET B 433 0.79 -16.91 -10.39
C MET B 433 1.45 -17.83 -9.39
N GLY B 434 2.15 -17.25 -8.43
CA GLY B 434 2.81 -18.07 -7.44
C GLY B 434 3.88 -18.96 -8.06
N VAL B 435 4.60 -18.44 -9.04
CA VAL B 435 5.66 -19.23 -9.65
C VAL B 435 6.81 -19.21 -8.65
N LYS B 436 7.37 -20.37 -8.31
CA LYS B 436 8.48 -20.40 -7.36
C LYS B 436 9.82 -20.64 -8.01
N ASP B 437 10.82 -20.94 -7.19
CA ASP B 437 12.20 -21.20 -7.63
C ASP B 437 13.03 -19.92 -7.46
S SO4 C . 12.95 5.07 8.83
O1 SO4 C . 13.06 4.28 10.13
O2 SO4 C . 11.65 5.89 8.90
O3 SO4 C . 14.03 5.99 8.82
O4 SO4 C . 12.73 4.09 7.83
S SO4 D . -18.47 0.44 -5.55
O1 SO4 D . -18.45 -1.05 -5.93
O2 SO4 D . -18.94 1.21 -6.77
O3 SO4 D . -19.47 0.59 -4.55
O4 SO4 D . -17.11 0.79 -5.38
#